data_5BR1
#
_entry.id   5BR1
#
_cell.length_a   36.781
_cell.length_b   63.701
_cell.length_c   119.575
_cell.angle_alpha   90.000
_cell.angle_beta   90.000
_cell.angle_gamma   90.000
#
_symmetry.space_group_name_H-M   'P 21 21 21'
#
loop_
_entity.id
_entity.type
_entity.pdbx_description
1 polymer 'ABC transporter, binding protein'
2 non-polymer 2-amino-2-deoxy-alpha-D-galactopyranose
3 water water
#
_entity_poly.entity_id   1
_entity_poly.type   'polypeptide(L)'
_entity_poly.pdbx_seq_one_letter_code
;(MSE)HHHHHHSSGVDLGTENLYFQS(MSE)AQTKG(MSE)VYYLVPTLLDEFQTGSVNALS(MSE)FLGQVGYE(MSE)
KTLNADNKTDAQQSQ(MSE)NDVIALKPAAIILAAVDFNALKPSIEAARAAGIPVVEFDRQITSTPSDFTSVAGTVEIGH
IAGDHAISLLKGKNGDVKGKILQVPGDPGDPYTLDIQKGFEEKIKAFPGVKIISVPAVQWEASAAGTIVSDQ(MSE)LAN
PDIDLIFLHAAHLSVAAVASLEAAGKKPGDV(MSE)L(MSE)SSNGAPVGLDLIRKGWLNVEVEQPLYAQAAAIA(MSE)
F(MSE)DKVVGKKPIKAGDYDVLGLKSVVT(MSE)ETWGPNIKIPGSAITKENVDNPSFWGNLKPPTAAIKSVE
;
_entity_poly.pdbx_strand_id   A
#
loop_
_chem_comp.id
_chem_comp.type
_chem_comp.name
_chem_comp.formula
X6X D-saccharide, alpha linking 2-amino-2-deoxy-alpha-D-galactopyranose 'C6 H13 N O5'
#
# COMPACT_ATOMS: atom_id res chain seq x y z
N LYS A 27 -17.02 -3.69 -23.62
CA LYS A 27 -17.48 -2.62 -22.72
C LYS A 27 -16.59 -1.38 -22.78
N GLY A 28 -15.32 -1.58 -23.10
CA GLY A 28 -14.36 -0.49 -23.16
C GLY A 28 -12.95 -0.93 -22.75
N MSE A 29 -11.98 -0.11 -23.15
CA MSE A 29 -10.58 -0.28 -22.77
C MSE A 29 -10.27 0.52 -21.49
O MSE A 29 -10.70 1.67 -21.38
CB MSE A 29 -9.68 0.19 -23.92
CG MSE A 29 -8.19 0.17 -23.62
SE MSE A 29 -7.52 -1.64 -23.47
CE MSE A 29 -8.21 -2.36 -25.15
H MSE A 29 -12.11 0.56 -23.67
HA MSE A 29 -10.40 -1.22 -22.61
N VAL A 30 -9.56 -0.09 -20.55
CA VAL A 30 -9.04 0.58 -19.35
C VAL A 30 -7.51 0.52 -19.39
N TYR A 31 -6.86 1.68 -19.19
CA TYR A 31 -5.42 1.73 -19.01
C TYR A 31 -5.04 1.92 -17.54
N TYR A 32 -3.99 1.19 -17.17
CA TYR A 32 -3.38 1.25 -15.84
C TYR A 32 -1.98 1.79 -15.96
N LEU A 33 -1.79 2.95 -15.35
CA LEU A 33 -0.48 3.58 -15.26
C LEU A 33 0.10 3.24 -13.89
N VAL A 34 0.83 2.14 -13.90
CA VAL A 34 1.46 1.57 -12.71
C VAL A 34 2.79 2.28 -12.49
N PRO A 35 3.10 2.67 -11.24
CA PRO A 35 4.34 3.47 -11.01
C PRO A 35 5.66 2.68 -11.19
N THR A 36 5.67 1.44 -10.71
CA THR A 36 6.81 0.54 -10.91
C THR A 36 6.28 -0.87 -10.94
N LEU A 37 7.15 -1.82 -11.26
CA LEU A 37 6.81 -3.23 -11.12
C LEU A 37 7.86 -3.92 -10.25
N LEU A 38 8.34 -3.23 -9.21
CA LEU A 38 9.55 -3.65 -8.53
C LEU A 38 9.27 -4.35 -7.20
N ASP A 39 8.01 -4.68 -6.94
CA ASP A 39 7.64 -5.61 -5.87
C ASP A 39 6.39 -6.42 -6.21
N GLU A 40 5.99 -7.24 -5.24
CA GLU A 40 4.88 -8.14 -5.42
C GLU A 40 3.51 -7.47 -5.35
N PHE A 41 3.39 -6.34 -4.65
CA PHE A 41 2.13 -5.61 -4.64
C PHE A 41 1.90 -4.98 -6.01
N GLN A 42 2.97 -4.45 -6.60
CA GLN A 42 2.82 -3.77 -7.91
C GLN A 42 2.50 -4.72 -9.06
N THR A 43 3.21 -5.84 -9.12
CA THR A 43 2.98 -6.83 -10.17
C THR A 43 1.66 -7.52 -9.91
N GLY A 44 1.40 -7.77 -8.63
CA GLY A 44 0.12 -8.32 -8.22
C GLY A 44 -1.08 -7.47 -8.61
N SER A 45 -0.95 -6.15 -8.49
CA SER A 45 -2.04 -5.23 -8.79
C SER A 45 -2.38 -5.30 -10.26
N VAL A 46 -1.37 -5.48 -11.10
CA VAL A 46 -1.63 -5.66 -12.51
C VAL A 46 -2.52 -6.87 -12.70
N ASN A 47 -2.08 -8.01 -12.19
CA ASN A 47 -2.80 -9.26 -12.39
C ASN A 47 -4.22 -9.19 -11.83
N ALA A 48 -4.39 -8.53 -10.68
CA ALA A 48 -5.68 -8.46 -10.02
C ALA A 48 -6.61 -7.51 -10.75
N LEU A 49 -6.09 -6.37 -11.18
CA LEU A 49 -6.96 -5.44 -11.90
C LEU A 49 -7.39 -6.08 -13.24
N SER A 50 -6.45 -6.64 -13.99
CA SER A 50 -6.81 -7.25 -15.26
C SER A 50 -7.94 -8.29 -15.07
N MSE A 51 -7.76 -9.24 -14.15
CA MSE A 51 -8.74 -10.29 -13.92
C MSE A 51 -10.09 -9.76 -13.47
O MSE A 51 -11.11 -10.12 -14.03
CB MSE A 51 -8.23 -11.29 -12.89
CG MSE A 51 -9.12 -12.51 -12.72
SE MSE A 51 -8.45 -13.80 -11.43
CE MSE A 51 -8.66 -12.69 -9.85
HA MSE A 51 -8.87 -10.78 -14.76
N PHE A 52 -10.12 -8.89 -12.45
CA PHE A 52 -11.41 -8.43 -11.95
C PHE A 52 -12.13 -7.58 -13.00
N LEU A 53 -11.38 -6.85 -13.81
CA LEU A 53 -11.98 -6.00 -14.84
C LEU A 53 -12.50 -6.90 -15.95
N GLY A 54 -11.85 -8.04 -16.12
CA GLY A 54 -12.29 -9.05 -17.08
C GLY A 54 -13.60 -9.66 -16.69
N GLN A 55 -13.80 -9.82 -15.39
CA GLN A 55 -15.04 -10.39 -14.85
C GLN A 55 -16.25 -9.49 -15.01
N VAL A 56 -16.01 -8.19 -15.13
CA VAL A 56 -17.11 -7.25 -15.33
C VAL A 56 -17.07 -6.67 -16.76
N GLY A 57 -16.22 -7.24 -17.61
CA GLY A 57 -16.33 -7.07 -19.06
C GLY A 57 -15.41 -6.05 -19.71
N TYR A 58 -14.37 -5.62 -19.00
CA TYR A 58 -13.46 -4.62 -19.53
C TYR A 58 -12.12 -5.24 -19.85
N GLU A 59 -11.48 -4.75 -20.91
CA GLU A 59 -10.11 -5.08 -21.22
C GLU A 59 -9.18 -4.11 -20.48
N MSE A 60 -7.97 -4.56 -20.15
CA MSE A 60 -7.01 -3.65 -19.53
C MSE A 60 -5.61 -3.69 -20.16
O MSE A 60 -5.11 -4.74 -20.54
CB MSE A 60 -6.89 -3.92 -18.04
CG MSE A 60 -6.00 -2.91 -17.37
SE MSE A 60 -5.69 -3.39 -15.51
CE MSE A 60 -4.31 -4.73 -15.74
H MSE A 60 -7.69 -5.36 -20.28
HA MSE A 60 -7.36 -2.75 -19.62
N LYS A 61 -5.02 -2.51 -20.27
CA LYS A 61 -3.65 -2.37 -20.74
C LYS A 61 -2.87 -1.62 -19.71
N THR A 62 -1.63 -2.04 -19.55
CA THR A 62 -0.77 -1.55 -18.48
C THR A 62 0.42 -0.82 -19.02
N LEU A 63 0.71 0.34 -18.44
CA LEU A 63 1.90 1.12 -18.77
C LEU A 63 2.70 1.41 -17.49
N ASN A 64 3.97 1.04 -17.52
CA ASN A 64 4.86 1.13 -16.37
C ASN A 64 5.82 2.34 -16.42
N ALA A 65 5.68 3.22 -15.44
CA ALA A 65 6.53 4.40 -15.34
C ALA A 65 7.91 4.10 -14.78
N ASP A 66 8.10 2.91 -14.23
CA ASP A 66 9.41 2.51 -13.65
C ASP A 66 10.02 3.65 -12.82
N ASN A 67 9.21 4.18 -11.89
CA ASN A 67 9.62 5.21 -10.95
C ASN A 67 10.10 6.52 -11.58
N LYS A 68 9.65 6.81 -12.79
CA LYS A 68 10.01 8.08 -13.45
C LYS A 68 8.75 8.89 -13.71
N THR A 69 8.70 10.07 -13.10
CA THR A 69 7.55 10.94 -13.21
C THR A 69 7.36 11.33 -14.65
N ASP A 70 8.47 11.64 -15.32
CA ASP A 70 8.39 12.06 -16.71
C ASP A 70 7.68 10.99 -17.55
N ALA A 71 8.03 9.73 -17.32
CA ALA A 71 7.47 8.64 -18.12
C ALA A 71 5.98 8.51 -17.91
N GLN A 72 5.56 8.72 -16.67
CA GLN A 72 4.17 8.55 -16.33
C GLN A 72 3.37 9.70 -16.94
N GLN A 73 3.96 10.89 -17.01
CA GLN A 73 3.25 12.03 -17.56
C GLN A 73 3.17 11.94 -19.06
N SER A 74 4.21 11.39 -19.66
CA SER A 74 4.20 11.04 -21.08
C SER A 74 3.11 10.02 -21.35
N GLN A 75 3.01 9.02 -20.49
CA GLN A 75 2.01 7.97 -20.64
C GLN A 75 0.57 8.46 -20.45
N MSE A 76 0.35 9.38 -19.52
CA MSE A 76 -0.98 9.96 -19.32
C MSE A 76 -1.45 10.59 -20.64
O MSE A 76 -2.55 10.30 -21.13
CB MSE A 76 -0.97 11.01 -18.21
CG MSE A 76 -1.00 10.45 -16.82
SE MSE A 76 -2.69 9.64 -16.36
CE MSE A 76 -3.91 11.08 -16.81
H MSE A 76 0.95 9.70 -18.99
HA MSE A 76 -1.60 9.26 -19.07
HB2 MSE A 76 -0.17 11.55 -18.30
HB3 MSE A 76 -1.75 11.58 -18.31
HG2 MSE A 76 -0.31 9.77 -16.73
HG3 MSE A 76 -0.84 11.17 -16.18
HE1 MSE A 76 -4.81 10.79 -16.62
HE2 MSE A 76 -3.68 11.85 -16.27
HE3 MSE A 76 -3.81 11.28 -17.75
N ASN A 77 -0.62 11.46 -21.20
CA ASN A 77 -0.94 12.11 -22.48
C ASN A 77 -1.16 11.11 -23.60
N ASP A 78 -0.31 10.09 -23.65
CA ASP A 78 -0.48 9.05 -24.65
C ASP A 78 -1.84 8.43 -24.46
N VAL A 79 -2.23 8.19 -23.21
CA VAL A 79 -3.49 7.49 -22.98
C VAL A 79 -4.67 8.46 -23.18
N ILE A 80 -4.53 9.70 -22.72
CA ILE A 80 -5.51 10.72 -23.08
C ILE A 80 -5.82 10.66 -24.59
N ALA A 81 -4.79 10.65 -25.42
CA ALA A 81 -4.97 10.64 -26.86
C ALA A 81 -5.65 9.36 -27.39
N LEU A 82 -5.66 8.30 -26.58
CA LEU A 82 -6.23 7.03 -27.00
C LEU A 82 -7.66 6.88 -26.50
N LYS A 83 -8.13 7.90 -25.78
CA LYS A 83 -9.52 7.97 -25.35
C LYS A 83 -10.06 6.61 -24.91
N PRO A 84 -9.48 6.03 -23.85
CA PRO A 84 -10.04 4.76 -23.36
C PRO A 84 -11.27 5.04 -22.51
N ALA A 85 -11.96 3.99 -22.07
CA ALA A 85 -13.16 4.14 -21.25
C ALA A 85 -12.82 4.67 -19.88
N ALA A 86 -11.59 4.42 -19.42
CA ALA A 86 -11.13 4.94 -18.14
C ALA A 86 -9.62 4.76 -18.01
N ILE A 87 -9.02 5.61 -17.18
CA ILE A 87 -7.62 5.49 -16.77
C ILE A 87 -7.58 5.15 -15.31
N ILE A 88 -6.74 4.20 -14.91
CA ILE A 88 -6.44 3.97 -13.49
C ILE A 88 -5.02 4.43 -13.23
N LEU A 89 -4.86 5.37 -12.31
CA LEU A 89 -3.55 5.91 -12.02
C LEU A 89 -3.13 5.55 -10.62
N ALA A 90 -1.88 5.10 -10.50
CA ALA A 90 -1.20 5.11 -9.21
C ALA A 90 0.06 5.95 -9.41
N ALA A 91 0.02 7.16 -8.85
CA ALA A 91 0.98 8.22 -9.17
C ALA A 91 2.35 7.94 -8.60
N VAL A 92 3.38 8.15 -9.41
CA VAL A 92 4.76 8.06 -8.92
C VAL A 92 4.99 9.14 -7.90
N ASP A 93 4.41 10.31 -8.16
CA ASP A 93 4.50 11.46 -7.25
C ASP A 93 3.16 12.17 -7.15
N PHE A 94 2.56 12.16 -5.97
CA PHE A 94 1.18 12.62 -5.82
C PHE A 94 0.93 14.09 -6.18
N ASN A 95 1.98 14.92 -6.13
CA ASN A 95 1.92 16.34 -6.55
C ASN A 95 1.99 16.50 -8.06
N ALA A 96 3.00 15.84 -8.64
CA ALA A 96 3.39 16.00 -10.05
C ALA A 96 2.29 15.58 -11.02
N LEU A 97 1.36 14.75 -10.55
CA LEU A 97 0.38 14.14 -11.44
C LEU A 97 -0.93 14.91 -11.44
N LYS A 98 -1.07 15.86 -10.52
CA LYS A 98 -2.31 16.64 -10.37
C LYS A 98 -2.78 17.29 -11.71
N PRO A 99 -1.87 17.99 -12.42
CA PRO A 99 -2.17 18.51 -13.77
C PRO A 99 -2.54 17.45 -14.79
N SER A 100 -1.93 16.27 -14.68
CA SER A 100 -2.23 15.20 -15.60
C SER A 100 -3.66 14.78 -15.40
N ILE A 101 -3.98 14.36 -14.18
CA ILE A 101 -5.34 13.97 -13.82
C ILE A 101 -6.37 14.98 -14.37
N GLU A 102 -6.05 16.26 -14.29
CA GLU A 102 -6.97 17.32 -14.69
C GLU A 102 -7.16 17.34 -16.20
N ALA A 103 -6.08 17.04 -16.92
CA ALA A 103 -6.11 17.03 -18.37
C ALA A 103 -7.03 15.94 -18.83
N ALA A 104 -6.88 14.77 -18.23
CA ALA A 104 -7.73 13.65 -18.56
C ALA A 104 -9.20 14.02 -18.34
N ARG A 105 -9.52 14.52 -17.15
CA ARG A 105 -10.89 14.90 -16.82
C ARG A 105 -11.36 16.06 -17.70
N ALA A 106 -10.42 16.90 -18.12
CA ALA A 106 -10.75 17.96 -19.05
C ALA A 106 -11.26 17.34 -20.34
N ALA A 107 -10.59 16.28 -20.77
CA ALA A 107 -10.95 15.62 -22.02
C ALA A 107 -12.06 14.58 -21.81
N GLY A 108 -12.58 14.51 -20.59
CA GLY A 108 -13.77 13.74 -20.33
C GLY A 108 -13.44 12.27 -20.23
N ILE A 109 -12.20 11.98 -19.83
CA ILE A 109 -11.77 10.61 -19.59
C ILE A 109 -11.84 10.32 -18.09
N PRO A 110 -12.60 9.29 -17.72
CA PRO A 110 -12.68 8.99 -16.28
C PRO A 110 -11.32 8.58 -15.74
N VAL A 111 -11.00 9.06 -14.55
CA VAL A 111 -9.72 8.78 -13.94
C VAL A 111 -10.01 8.19 -12.60
N VAL A 112 -9.36 7.05 -12.35
CA VAL A 112 -9.48 6.32 -11.11
C VAL A 112 -8.09 6.26 -10.47
N GLU A 113 -8.03 6.59 -9.19
CA GLU A 113 -6.80 6.63 -8.40
C GLU A 113 -6.74 5.34 -7.64
N PHE A 114 -5.67 4.57 -7.83
CA PHE A 114 -5.52 3.30 -7.14
C PHE A 114 -4.39 3.40 -6.15
N ASP A 115 -4.72 3.14 -4.87
CA ASP A 115 -3.72 2.90 -3.80
C ASP A 115 -3.09 4.16 -3.25
N ARG A 116 -2.75 5.05 -4.16
CA ARG A 116 -2.05 6.29 -3.84
C ARG A 116 -3.04 7.43 -3.99
N GLN A 117 -3.58 7.85 -2.86
CA GLN A 117 -4.63 8.86 -2.79
C GLN A 117 -4.13 10.25 -3.21
N ILE A 118 -4.97 10.92 -3.99
CA ILE A 118 -4.67 12.26 -4.49
C ILE A 118 -5.82 13.13 -4.06
N THR A 119 -5.59 13.89 -2.99
CA THR A 119 -6.60 14.66 -2.31
C THR A 119 -6.80 16.04 -2.90
N SER A 120 -5.85 16.46 -3.72
CA SER A 120 -5.80 17.85 -4.15
C SER A 120 -6.67 18.19 -5.38
N THR A 121 -7.17 17.18 -6.09
CA THR A 121 -7.92 17.45 -7.31
C THR A 121 -8.95 16.34 -7.46
N PRO A 122 -10.09 16.66 -8.08
CA PRO A 122 -11.15 15.64 -8.17
C PRO A 122 -10.81 14.44 -9.08
N SER A 123 -11.05 13.21 -8.62
CA SER A 123 -11.07 12.05 -9.48
C SER A 123 -12.46 11.45 -9.46
N ASP A 124 -12.72 10.57 -10.42
CA ASP A 124 -14.00 9.90 -10.56
C ASP A 124 -14.16 8.74 -9.59
N PHE A 125 -13.08 8.12 -9.17
CA PHE A 125 -13.15 7.08 -8.15
C PHE A 125 -11.78 6.91 -7.51
N THR A 126 -11.78 6.51 -6.23
CA THR A 126 -10.51 6.26 -5.52
C THR A 126 -10.62 5.04 -4.62
N SER A 127 -9.66 4.12 -4.77
CA SER A 127 -9.69 2.85 -4.06
C SER A 127 -8.41 2.68 -3.29
N VAL A 128 -8.51 2.78 -1.96
CA VAL A 128 -7.32 2.71 -1.14
C VAL A 128 -7.54 1.93 0.14
N ALA A 129 -6.42 1.55 0.74
CA ALA A 129 -6.41 1.00 2.08
C ALA A 129 -6.69 2.09 3.10
N GLY A 130 -7.05 1.68 4.30
CA GLY A 130 -7.04 2.62 5.41
C GLY A 130 -5.63 2.76 5.91
N THR A 131 -4.94 3.75 5.35
CA THR A 131 -3.53 3.89 5.58
C THR A 131 -3.18 4.38 6.94
N VAL A 132 -3.83 5.46 7.38
CA VAL A 132 -3.63 5.95 8.74
C VAL A 132 -3.95 4.80 9.71
N GLU A 133 -4.98 4.03 9.41
CA GLU A 133 -5.32 2.93 10.32
C GLU A 133 -4.24 1.83 10.32
N ILE A 134 -3.66 1.49 9.16
CA ILE A 134 -2.52 0.56 9.13
C ILE A 134 -1.38 1.03 10.01
N GLY A 135 -1.10 2.33 9.94
CA GLY A 135 -0.16 2.93 10.85
C GLY A 135 -0.53 2.73 12.31
N HIS A 136 -1.81 2.89 12.62
CA HIS A 136 -2.28 2.77 13.99
C HIS A 136 -2.06 1.34 14.45
N ILE A 137 -2.40 0.42 13.58
CA ILE A 137 -2.24 -1.00 13.93
C ILE A 137 -0.77 -1.36 14.17
N ALA A 138 0.11 -0.87 13.29
CA ALA A 138 1.54 -0.98 13.43
C ALA A 138 1.97 -0.43 14.78
N GLY A 139 1.35 0.68 15.15
CA GLY A 139 1.72 1.36 16.36
C GLY A 139 1.37 0.58 17.59
N ASP A 140 0.15 0.07 17.61
CA ASP A 140 -0.36 -0.71 18.71
C ASP A 140 0.59 -1.91 18.96
N HIS A 141 1.06 -2.52 17.89
CA HIS A 141 1.88 -3.72 18.07
C HIS A 141 3.27 -3.36 18.46
N ALA A 142 3.77 -2.24 17.98
CA ALA A 142 5.10 -1.77 18.39
C ALA A 142 5.11 -1.55 19.87
N ILE A 143 3.97 -1.07 20.37
CA ILE A 143 3.81 -0.74 21.77
C ILE A 143 3.73 -2.00 22.57
N SER A 144 2.89 -2.96 22.16
N SER A 144 2.86 -2.93 22.14
CA SER A 144 2.78 -4.24 22.89
CA SER A 144 2.74 -4.27 22.74
C SER A 144 4.11 -5.02 22.83
C SER A 144 4.10 -4.94 22.81
N LEU A 145 4.74 -5.06 21.65
CA LEU A 145 6.12 -5.46 21.57
C LEU A 145 6.84 -4.30 22.29
N LEU A 146 8.12 -4.36 22.60
CA LEU A 146 8.79 -3.35 23.47
C LEU A 146 8.30 -3.51 24.90
N LYS A 147 7.00 -3.31 25.19
CA LYS A 147 6.45 -3.59 26.53
C LYS A 147 6.76 -5.04 26.91
N GLY A 148 6.45 -5.95 26.00
CA GLY A 148 6.79 -7.35 26.17
C GLY A 148 8.27 -7.56 26.45
N LYS A 149 9.13 -6.85 25.72
CA LYS A 149 10.57 -6.99 25.93
C LYS A 149 11.03 -6.21 27.16
N ASN A 150 10.58 -4.96 27.30
CA ASN A 150 11.20 -4.03 28.27
C ASN A 150 10.44 -3.75 29.54
N GLY A 151 9.24 -4.32 29.66
CA GLY A 151 8.44 -4.16 30.86
C GLY A 151 7.55 -2.93 30.73
N ASP A 152 8.19 -1.79 30.55
CA ASP A 152 7.48 -0.54 30.29
C ASP A 152 7.44 -0.28 28.79
N VAL A 153 6.58 0.67 28.39
CA VAL A 153 6.53 1.13 27.02
C VAL A 153 7.71 2.07 26.80
N LYS A 154 8.85 1.46 26.47
CA LYS A 154 10.09 2.20 26.29
C LYS A 154 11.02 1.42 25.38
N GLY A 155 12.02 2.10 24.85
CA GLY A 155 12.97 1.44 23.98
C GLY A 155 13.28 2.35 22.83
N LYS A 156 13.66 1.75 21.72
CA LYS A 156 14.00 2.52 20.55
C LYS A 156 13.55 1.80 19.31
N ILE A 157 13.07 2.57 18.36
CA ILE A 157 12.53 2.03 17.13
C ILE A 157 13.21 2.73 15.98
N LEU A 158 13.55 1.96 14.96
CA LEU A 158 13.91 2.52 13.68
C LEU A 158 12.72 2.34 12.73
N GLN A 159 12.27 3.43 12.16
CA GLN A 159 11.18 3.38 11.17
C GLN A 159 11.80 3.65 9.81
N VAL A 160 11.41 2.84 8.84
CA VAL A 160 11.90 3.00 7.47
C VAL A 160 10.68 3.20 6.60
N PRO A 161 10.28 4.44 6.40
CA PRO A 161 9.17 4.71 5.49
C PRO A 161 9.58 4.50 4.05
N GLY A 162 8.61 4.63 3.14
CA GLY A 162 8.86 4.52 1.73
C GLY A 162 9.14 5.83 1.08
N ASP A 163 8.78 5.98 -0.19
CA ASP A 163 9.16 7.17 -0.92
C ASP A 163 8.30 8.36 -0.49
N PRO A 164 8.92 9.54 -0.26
CA PRO A 164 8.19 10.75 0.14
C PRO A 164 7.13 11.23 -0.84
N GLY A 165 7.21 10.81 -2.10
CA GLY A 165 6.19 11.13 -3.08
C GLY A 165 4.94 10.24 -3.00
N ASP A 166 4.91 9.33 -2.05
CA ASP A 166 3.87 8.30 -2.03
C ASP A 166 2.97 8.41 -0.79
N PRO A 167 1.71 8.81 -0.99
CA PRO A 167 0.77 8.98 0.14
C PRO A 167 0.48 7.72 1.01
N TYR A 168 0.70 6.54 0.42
CA TYR A 168 0.55 5.29 1.13
C TYR A 168 1.47 5.23 2.34
N THR A 169 2.74 5.51 2.13
CA THR A 169 3.69 5.52 3.25
C THR A 169 3.56 6.79 4.07
N LEU A 170 3.20 7.93 3.47
CA LEU A 170 3.03 9.19 4.24
C LEU A 170 1.93 9.07 5.31
N ASP A 171 0.78 8.55 4.89
CA ASP A 171 -0.30 8.37 5.84
C ASP A 171 -0.03 7.25 6.84
N ILE A 172 0.67 6.18 6.45
CA ILE A 172 1.04 5.15 7.42
C ILE A 172 1.96 5.74 8.49
N GLN A 173 2.85 6.63 8.07
CA GLN A 173 3.79 7.30 8.99
C GLN A 173 3.08 8.15 10.08
N LYS A 174 2.10 8.96 9.66
CA LYS A 174 1.22 9.70 10.58
C LYS A 174 0.54 8.81 11.59
N GLY A 175 -0.01 7.70 11.12
CA GLY A 175 -0.77 6.84 12.01
C GLY A 175 0.14 6.15 13.00
N PHE A 176 1.32 5.80 12.53
CA PHE A 176 2.33 5.14 13.37
C PHE A 176 2.92 6.08 14.45
N GLU A 177 3.47 7.19 14.00
CA GLU A 177 3.99 8.21 14.91
C GLU A 177 2.97 8.75 15.89
N GLU A 178 1.72 8.84 15.49
CA GLU A 178 0.70 9.26 16.40
C GLU A 178 0.69 8.35 17.63
N LYS A 179 0.76 7.03 17.39
CA LYS A 179 0.75 6.08 18.51
C LYS A 179 2.00 6.13 19.39
N ILE A 180 3.17 6.29 18.77
CA ILE A 180 4.46 6.13 19.49
C ILE A 180 4.77 7.36 20.28
N LYS A 181 4.38 8.49 19.73
CA LYS A 181 4.69 9.78 20.34
C LYS A 181 4.04 9.96 21.68
N ALA A 182 3.02 9.14 21.92
CA ALA A 182 2.27 9.15 23.15
C ALA A 182 3.08 8.61 24.33
N PHE A 183 4.23 8.03 24.01
CA PHE A 183 5.13 7.40 24.99
C PHE A 183 6.51 7.92 24.64
N PRO A 184 6.88 9.09 25.19
CA PRO A 184 8.20 9.64 24.90
C PRO A 184 9.34 8.77 25.44
N GLY A 185 9.06 7.77 26.28
CA GLY A 185 10.08 6.81 26.67
C GLY A 185 10.50 5.85 25.53
N VAL A 186 9.74 5.87 24.44
CA VAL A 186 10.19 5.26 23.20
C VAL A 186 10.80 6.31 22.28
N LYS A 187 12.07 6.09 21.95
CA LYS A 187 12.78 6.90 20.97
C LYS A 187 12.59 6.35 19.56
N ILE A 188 12.27 7.23 18.62
CA ILE A 188 12.08 6.86 17.22
C ILE A 188 13.11 7.54 16.30
N ILE A 189 13.66 6.74 15.39
CA ILE A 189 14.60 7.19 14.40
C ILE A 189 13.93 6.83 13.11
N SER A 190 13.72 7.81 12.23
CA SER A 190 13.08 7.52 10.94
C SER A 190 13.92 7.98 9.76
N VAL A 191 14.07 7.05 8.81
CA VAL A 191 14.93 7.21 7.67
C VAL A 191 14.23 6.58 6.49
N PRO A 192 13.70 7.41 5.57
CA PRO A 192 13.05 6.94 4.34
C PRO A 192 13.96 6.21 3.36
N ALA A 193 13.38 5.16 2.80
CA ALA A 193 13.95 4.40 1.71
C ALA A 193 13.46 5.01 0.43
N VAL A 194 14.21 5.99 -0.06
CA VAL A 194 13.91 6.70 -1.29
C VAL A 194 13.59 5.75 -2.46
N GLN A 195 12.53 6.11 -3.20
CA GLN A 195 12.02 5.36 -4.36
C GLN A 195 11.65 3.91 -4.02
N TRP A 196 11.39 3.69 -2.74
CA TRP A 196 10.92 2.40 -2.23
C TRP A 196 11.95 1.31 -2.41
N GLU A 197 13.22 1.68 -2.47
CA GLU A 197 14.29 0.75 -2.78
C GLU A 197 14.80 -0.06 -1.59
N ALA A 198 14.71 -1.39 -1.71
CA ALA A 198 15.21 -2.28 -0.67
C ALA A 198 16.70 -2.08 -0.36
N SER A 199 17.54 -1.79 -1.36
CA SER A 199 18.96 -1.58 -1.07
C SER A 199 19.21 -0.36 -0.18
N ALA A 200 18.34 0.64 -0.32
CA ALA A 200 18.39 1.81 0.56
C ALA A 200 18.00 1.41 1.98
N ALA A 201 16.96 0.59 2.12
CA ALA A 201 16.58 0.03 3.40
C ALA A 201 17.75 -0.74 3.98
N GLY A 202 18.41 -1.52 3.14
CA GLY A 202 19.51 -2.38 3.59
C GLY A 202 20.59 -1.56 4.25
N THR A 203 20.93 -0.47 3.59
CA THR A 203 22.04 0.37 3.99
C THR A 203 21.64 1.13 5.26
N ILE A 204 20.40 1.63 5.30
CA ILE A 204 19.88 2.32 6.48
C ILE A 204 20.02 1.40 7.69
N VAL A 205 19.57 0.16 7.55
CA VAL A 205 19.53 -0.75 8.69
C VAL A 205 20.94 -1.03 9.23
N SER A 206 21.90 -1.29 8.36
CA SER A 206 23.30 -1.49 8.80
C SER A 206 23.88 -0.25 9.53
N ASP A 207 23.67 0.90 8.93
CA ASP A 207 24.23 2.15 9.50
C ASP A 207 23.57 2.55 10.82
N GLN A 208 22.24 2.43 10.88
CA GLN A 208 21.51 2.82 12.10
C GLN A 208 21.79 1.80 13.23
N MSE A 209 22.03 0.55 12.86
CA MSE A 209 22.24 -0.51 13.85
C MSE A 209 23.59 -0.35 14.49
O MSE A 209 23.70 -0.47 15.68
CB MSE A 209 22.13 -1.92 13.22
CG MSE A 209 20.70 -2.41 12.98
SE MSE A 209 19.50 -2.56 14.55
CE MSE A 209 20.67 -3.49 15.83
H MSE A 209 22.07 0.28 12.05
HA MSE A 209 21.56 -0.44 14.53
N LEU A 210 24.61 -0.10 13.68
CA LEU A 210 25.94 0.18 14.22
C LEU A 210 25.96 1.40 15.16
N ALA A 211 25.15 2.42 14.87
CA ALA A 211 25.13 3.66 15.70
C ALA A 211 24.17 3.51 16.90
N ASN A 212 23.26 2.57 16.78
CA ASN A 212 22.27 2.28 17.81
C ASN A 212 22.10 0.73 18.01
N PRO A 213 23.01 0.11 18.76
CA PRO A 213 22.85 -1.33 18.99
C PRO A 213 21.66 -1.62 19.89
N ASP A 214 21.13 -0.60 20.56
CA ASP A 214 19.99 -0.74 21.45
C ASP A 214 18.64 -0.75 20.75
N ILE A 215 18.62 -0.52 19.44
CA ILE A 215 17.34 -0.63 18.68
C ILE A 215 16.60 -1.92 18.97
N ASP A 216 15.36 -1.79 19.44
CA ASP A 216 14.53 -2.95 19.81
C ASP A 216 13.72 -3.48 18.64
N LEU A 217 13.35 -2.58 17.73
CA LEU A 217 12.40 -2.89 16.67
C LEU A 217 12.58 -2.01 15.45
N ILE A 218 12.46 -2.63 14.28
CA ILE A 218 12.48 -1.90 13.04
C ILE A 218 11.10 -2.09 12.40
N PHE A 219 10.47 -0.98 12.04
CA PHE A 219 9.22 -0.97 11.30
C PHE A 219 9.40 -0.35 9.92
N LEU A 220 9.18 -1.15 8.89
CA LEU A 220 9.43 -0.74 7.50
C LEU A 220 8.13 -0.81 6.78
N HIS A 221 7.90 0.12 5.87
CA HIS A 221 6.56 0.31 5.39
C HIS A 221 6.09 -0.64 4.33
N ALA A 222 6.96 -1.56 3.89
CA ALA A 222 6.58 -2.64 2.98
C ALA A 222 7.55 -3.82 3.10
N ALA A 223 7.03 -5.01 2.90
CA ALA A 223 7.77 -6.23 3.17
C ALA A 223 9.05 -6.43 2.34
N HIS A 224 9.14 -5.87 1.14
CA HIS A 224 10.37 -6.08 0.38
C HIS A 224 11.51 -5.30 0.99
N LEU A 225 11.15 -4.29 1.79
CA LEU A 225 12.14 -3.56 2.52
C LEU A 225 12.69 -4.40 3.67
N SER A 226 11.81 -5.17 4.32
CA SER A 226 12.20 -6.07 5.44
C SER A 226 13.12 -7.21 4.99
N VAL A 227 13.03 -7.57 3.73
CA VAL A 227 13.95 -8.60 3.16
C VAL A 227 15.40 -8.09 3.28
N ALA A 228 15.58 -6.82 3.02
CA ALA A 228 16.90 -6.17 3.12
C ALA A 228 17.33 -6.03 4.57
N ALA A 229 16.37 -5.69 5.41
CA ALA A 229 16.62 -5.51 6.82
C ALA A 229 17.13 -6.79 7.42
N VAL A 230 16.48 -7.89 7.06
CA VAL A 230 16.89 -9.19 7.56
C VAL A 230 18.35 -9.47 7.16
N ALA A 231 18.66 -9.23 5.90
CA ALA A 231 20.01 -9.55 5.39
C ALA A 231 21.04 -8.68 6.11
N SER A 232 20.67 -7.45 6.37
CA SER A 232 21.55 -6.53 7.05
C SER A 232 21.78 -6.98 8.50
N LEU A 233 20.72 -7.46 9.12
CA LEU A 233 20.80 -7.93 10.50
C LEU A 233 21.65 -9.17 10.60
N GLU A 234 21.45 -10.08 9.65
CA GLU A 234 22.23 -11.30 9.53
C GLU A 234 23.74 -11.02 9.43
N ALA A 235 24.11 -10.07 8.56
CA ALA A 235 25.52 -9.76 8.34
C ALA A 235 26.15 -9.19 9.60
N ALA A 236 25.33 -8.71 10.53
CA ALA A 236 25.85 -8.19 11.80
C ALA A 236 25.86 -9.26 12.89
N GLY A 237 25.50 -10.50 12.54
CA GLY A 237 25.50 -11.62 13.48
C GLY A 237 24.16 -11.93 14.11
N LYS A 238 23.15 -11.12 13.81
CA LYS A 238 21.83 -11.34 14.40
C LYS A 238 21.05 -12.51 13.79
N LYS A 239 20.27 -13.13 14.67
CA LYS A 239 19.32 -14.20 14.36
C LYS A 239 17.87 -13.72 14.49
N PRO A 240 16.92 -14.50 13.94
CA PRO A 240 15.50 -14.16 14.09
C PRO A 240 15.12 -13.88 15.56
N GLY A 241 14.40 -12.80 15.78
CA GLY A 241 13.96 -12.45 17.11
C GLY A 241 14.87 -11.51 17.87
N ASP A 242 16.14 -11.47 17.49
CA ASP A 242 17.11 -10.60 18.17
C ASP A 242 16.65 -9.14 18.14
N VAL A 243 16.29 -8.65 16.96
CA VAL A 243 15.74 -7.31 16.78
C VAL A 243 14.35 -7.57 16.25
N MSE A 244 13.29 -7.01 16.84
CA MSE A 244 11.96 -7.34 16.31
C MSE A 244 11.69 -6.58 15.02
O MSE A 244 12.26 -5.55 14.75
CB MSE A 244 10.87 -7.03 17.34
CG MSE A 244 11.03 -7.92 18.54
SE MSE A 244 10.03 -7.37 20.09
CE MSE A 244 10.79 -8.70 21.31
H MSE A 244 13.32 -6.48 17.51
HA MSE A 244 11.92 -8.28 16.12
HB2 MSE A 244 10.95 -6.11 17.63
HB3 MSE A 244 10.01 -7.21 16.95
HG2 MSE A 244 11.97 -7.93 18.78
HG3 MSE A 244 10.74 -8.81 18.29
HE1 MSE A 244 10.40 -8.59 22.19
HE2 MSE A 244 10.58 -9.59 20.97
HE3 MSE A 244 11.75 -8.58 21.36
N LEU A 245 10.81 -7.12 14.21
CA LEU A 245 10.62 -6.56 12.89
C LEU A 245 9.18 -6.60 12.49
N MSE A 246 8.76 -5.55 11.78
CA MSE A 246 7.39 -5.46 11.32
C MSE A 246 7.39 -4.68 10.04
O MSE A 246 8.21 -3.80 9.85
CB MSE A 246 6.52 -4.80 12.37
CG MSE A 246 5.20 -4.27 11.89
SE MSE A 246 4.16 -3.61 13.43
CE MSE A 246 5.47 -2.40 14.26
H MSE A 246 9.25 -4.88 11.57
HA MSE A 246 7.05 -6.36 11.15
HB2 MSE A 246 6.33 -5.46 13.07
HB3 MSE A 246 7.01 -4.06 12.76
HG2 MSE A 246 5.35 -3.54 11.27
HG3 MSE A 246 4.70 -4.99 11.45
HE1 MSE A 246 5.07 -2.00 15.05
HE2 MSE A 246 6.26 -2.90 14.51
HE3 MSE A 246 5.70 -1.70 13.62
N SER A 247 6.48 -5.03 9.13
CA SER A 247 6.30 -4.18 8.00
C SER A 247 4.81 -4.11 7.63
N SER A 248 4.50 -3.29 6.64
CA SER A 248 3.12 -2.85 6.46
C SER A 248 2.64 -2.86 4.98
N ASN A 249 2.69 -4.02 4.32
CA ASN A 249 1.91 -4.17 3.10
C ASN A 249 1.37 -5.55 2.81
N GLY A 250 1.87 -6.59 3.48
CA GLY A 250 1.33 -7.93 3.29
C GLY A 250 1.87 -8.76 2.11
N ALA A 251 2.97 -8.32 1.52
CA ALA A 251 3.50 -9.04 0.37
C ALA A 251 3.92 -10.46 0.76
N PRO A 252 3.91 -11.38 -0.22
CA PRO A 252 4.31 -12.77 0.02
C PRO A 252 5.64 -12.90 0.77
N VAL A 253 6.63 -12.09 0.41
CA VAL A 253 7.92 -12.22 1.06
C VAL A 253 7.78 -11.96 2.53
N GLY A 254 6.78 -11.16 2.90
CA GLY A 254 6.61 -10.80 4.30
C GLY A 254 6.06 -11.98 5.03
N LEU A 255 5.06 -12.61 4.42
CA LEU A 255 4.43 -13.79 5.02
C LEU A 255 5.47 -14.90 5.18
N ASP A 256 6.39 -15.00 4.23
CA ASP A 256 7.54 -15.94 4.32
C ASP A 256 8.33 -15.63 5.57
N LEU A 257 8.63 -14.35 5.78
CA LEU A 257 9.51 -13.95 6.85
C LEU A 257 8.87 -14.16 8.22
N ILE A 258 7.55 -13.98 8.29
CA ILE A 258 6.75 -14.34 9.47
C ILE A 258 6.95 -15.81 9.85
N ARG A 259 6.72 -16.72 8.90
CA ARG A 259 6.88 -18.16 9.17
C ARG A 259 8.32 -18.52 9.59
N LYS A 260 9.30 -17.74 9.14
CA LYS A 260 10.71 -17.99 9.43
C LYS A 260 11.12 -17.40 10.78
N GLY A 261 10.25 -16.59 11.35
CA GLY A 261 10.48 -16.04 12.67
C GLY A 261 11.22 -14.72 12.61
N TRP A 262 11.57 -14.25 11.42
CA TRP A 262 12.20 -12.95 11.29
C TRP A 262 11.23 -11.79 11.59
N LEU A 263 10.02 -11.86 11.04
CA LEU A 263 9.01 -10.78 11.14
C LEU A 263 8.02 -11.07 12.28
N ASN A 264 7.85 -10.14 13.20
CA ASN A 264 6.91 -10.33 14.30
C ASN A 264 5.48 -10.05 13.85
N VAL A 265 5.33 -9.04 12.99
CA VAL A 265 4.04 -8.58 12.51
C VAL A 265 4.17 -8.06 11.08
N GLU A 266 3.16 -8.31 10.24
CA GLU A 266 3.07 -7.70 8.90
C GLU A 266 1.66 -7.15 8.87
N VAL A 267 1.49 -5.85 8.74
CA VAL A 267 0.16 -5.32 8.63
C VAL A 267 -0.17 -5.21 7.16
N GLU A 268 -1.11 -6.01 6.70
CA GLU A 268 -1.40 -5.98 5.29
C GLU A 268 -2.27 -4.83 4.92
N GLN A 269 -2.10 -4.43 3.66
CA GLN A 269 -3.14 -3.75 2.87
C GLN A 269 -3.85 -4.79 2.01
N PRO A 270 -5.17 -4.62 1.79
CA PRO A 270 -5.95 -5.64 1.07
C PRO A 270 -5.90 -5.46 -0.43
N LEU A 271 -4.81 -5.95 -1.02
CA LEU A 271 -4.56 -5.79 -2.45
C LEU A 271 -5.76 -6.19 -3.29
N TYR A 272 -6.28 -7.40 -3.08
CA TYR A 272 -7.34 -7.89 -3.97
C TYR A 272 -8.60 -7.05 -3.86
N ALA A 273 -8.96 -6.70 -2.64
CA ALA A 273 -10.17 -5.90 -2.45
C ALA A 273 -10.02 -4.53 -3.11
N GLN A 274 -8.86 -3.90 -2.96
CA GLN A 274 -8.66 -2.57 -3.52
C GLN A 274 -8.82 -2.66 -5.01
N ALA A 275 -8.38 -3.76 -5.61
CA ALA A 275 -8.46 -3.88 -7.09
C ALA A 275 -9.87 -4.20 -7.50
N ALA A 276 -10.45 -5.18 -6.82
CA ALA A 276 -11.83 -5.57 -7.09
C ALA A 276 -12.79 -4.39 -6.93
N ALA A 277 -12.49 -3.47 -6.03
CA ALA A 277 -13.45 -2.42 -5.74
C ALA A 277 -13.54 -1.54 -6.96
N ILE A 278 -12.41 -1.39 -7.65
CA ILE A 278 -12.35 -0.56 -8.83
C ILE A 278 -13.20 -1.19 -9.89
N ALA A 279 -13.07 -2.50 -10.05
CA ALA A 279 -13.84 -3.22 -11.05
C ALA A 279 -15.35 -3.21 -10.72
N MSE A 280 -15.69 -3.39 -9.45
CA MSE A 280 -17.09 -3.38 -9.03
C MSE A 280 -17.82 -2.11 -9.41
O MSE A 280 -19.04 -2.11 -9.62
CB MSE A 280 -17.17 -3.58 -7.52
CG MSE A 280 -16.85 -4.98 -7.07
SE MSE A 280 -16.76 -5.16 -5.12
CE MSE A 280 -16.71 -7.14 -4.96
H MSE A 280 -15.13 -3.52 -8.81
HA MSE A 280 -17.54 -4.14 -9.45
HB2 MSE A 280 -16.53 -2.98 -7.10
HB3 MSE A 280 -18.07 -3.37 -7.23
HG2 MSE A 280 -17.54 -5.57 -7.40
HG3 MSE A 280 -15.98 -5.24 -7.44
HE1 MSE A 280 -16.66 -7.37 -4.02
HE2 MSE A 280 -17.51 -7.50 -5.36
HE3 MSE A 280 -15.93 -7.47 -5.42
N PHE A 281 -17.08 -1.02 -9.47
CA PHE A 281 -17.66 0.31 -9.68
C PHE A 281 -17.35 0.87 -11.07
N MSE A 282 -16.73 0.05 -11.92
CA MSE A 282 -16.27 0.54 -13.22
C MSE A 282 -17.44 0.94 -14.10
O MSE A 282 -17.35 1.95 -14.79
CB MSE A 282 -15.43 -0.49 -13.94
CG MSE A 282 -14.78 0.08 -15.21
SE MSE A 282 -13.66 1.62 -14.89
CE MSE A 282 -12.24 0.84 -13.80
H MSE A 282 -16.55 -0.77 -11.76
HA MSE A 282 -15.72 1.32 -13.07
HB2 MSE A 282 -14.72 -0.79 -13.35
HB3 MSE A 282 -15.99 -1.24 -14.19
HG2 MSE A 282 -14.23 -0.62 -15.61
HG3 MSE A 282 -15.49 0.34 -15.83
HE1 MSE A 282 -11.60 1.54 -13.57
HE2 MSE A 282 -12.63 0.47 -12.99
HE3 MSE A 282 -11.79 0.15 -14.31
N ASP A 283 -18.54 0.19 -14.08
CA ASP A 283 -19.73 0.62 -14.83
C ASP A 283 -20.19 2.03 -14.41
N LYS A 284 -20.14 2.34 -13.13
CA LYS A 284 -20.57 3.68 -12.71
C LYS A 284 -19.58 4.71 -13.19
N VAL A 285 -18.29 4.34 -13.09
CA VAL A 285 -17.21 5.22 -13.48
C VAL A 285 -17.21 5.45 -15.00
N VAL A 286 -17.36 4.40 -15.79
CA VAL A 286 -17.28 4.57 -17.26
C VAL A 286 -18.49 5.36 -17.73
N GLY A 287 -19.65 5.02 -17.21
CA GLY A 287 -20.90 5.61 -17.65
C GLY A 287 -21.16 6.98 -17.05
N LYS A 288 -20.21 7.47 -16.25
CA LYS A 288 -20.37 8.76 -15.56
C LYS A 288 -21.63 8.75 -14.68
N LYS A 289 -21.89 7.64 -14.02
CA LYS A 289 -23.03 7.55 -13.10
C LYS A 289 -22.54 7.70 -11.69
N PRO A 290 -23.42 8.16 -10.79
CA PRO A 290 -22.95 8.45 -9.44
C PRO A 290 -22.67 7.19 -8.65
N ILE A 291 -21.78 7.34 -7.68
CA ILE A 291 -21.36 6.29 -6.80
C ILE A 291 -21.91 6.59 -5.41
N LYS A 292 -22.73 5.68 -4.89
CA LYS A 292 -23.47 5.90 -3.66
C LYS A 292 -22.62 5.64 -2.41
N ALA A 293 -22.63 6.60 -1.50
CA ALA A 293 -21.88 6.46 -0.30
C ALA A 293 -22.51 5.42 0.60
N GLY A 294 -21.67 4.67 1.31
CA GLY A 294 -22.15 3.77 2.32
C GLY A 294 -21.16 2.66 2.60
N ASP A 295 -21.67 1.61 3.22
CA ASP A 295 -20.89 0.43 3.56
C ASP A 295 -21.08 -0.65 2.50
N TYR A 296 -19.96 -1.14 1.97
CA TYR A 296 -19.96 -2.25 1.01
C TYR A 296 -19.08 -3.42 1.48
N ASP A 297 -19.42 -4.60 0.97
CA ASP A 297 -18.55 -5.75 1.14
C ASP A 297 -17.73 -5.89 -0.13
N VAL A 298 -16.42 -5.98 0.04
CA VAL A 298 -15.48 -6.21 -1.04
C VAL A 298 -14.64 -7.39 -0.63
N LEU A 299 -14.82 -8.48 -1.37
CA LEU A 299 -14.09 -9.72 -1.15
C LEU A 299 -14.10 -10.06 0.31
N GLY A 300 -15.24 -9.82 0.92
CA GLY A 300 -15.43 -10.17 2.33
C GLY A 300 -14.92 -9.15 3.34
N LEU A 301 -14.40 -8.01 2.86
CA LEU A 301 -13.94 -6.94 3.73
C LEU A 301 -14.99 -5.88 3.77
N LYS A 302 -15.32 -5.43 4.98
CA LYS A 302 -16.19 -4.29 5.11
C LYS A 302 -15.43 -3.06 4.66
N SER A 303 -15.99 -2.42 3.64
CA SER A 303 -15.38 -1.30 2.95
C SER A 303 -16.33 -0.11 3.03
N VAL A 304 -15.78 1.11 3.00
CA VAL A 304 -16.56 2.32 3.25
C VAL A 304 -16.41 3.34 2.12
N VAL A 305 -17.49 3.57 1.38
CA VAL A 305 -17.43 4.59 0.37
C VAL A 305 -17.96 5.88 0.94
N THR A 306 -17.21 6.95 0.71
CA THR A 306 -17.59 8.32 1.06
C THR A 306 -17.41 9.25 -0.13
N MSE A 307 -18.12 10.37 -0.11
CA MSE A 307 -17.89 11.39 -1.12
C MSE A 307 -16.96 12.46 -0.58
O MSE A 307 -17.34 13.23 0.29
CB MSE A 307 -19.21 12.00 -1.58
CG MSE A 307 -19.05 13.08 -2.62
SE MSE A 307 -18.44 12.41 -4.33
CE MSE A 307 -18.00 14.14 -5.14
H MSE A 307 -18.73 10.56 0.46
HA MSE A 307 -17.47 10.98 -1.90
HB2 MSE A 307 -19.76 11.31 -1.97
HB3 MSE A 307 -19.66 12.39 -0.81
HG2 MSE A 307 -19.90 13.53 -2.75
HG3 MSE A 307 -18.38 13.73 -2.30
HE1 MSE A 307 -17.66 14.00 -6.04
HE2 MSE A 307 -18.80 14.69 -5.17
HE3 MSE A 307 -17.32 14.58 -4.60
N GLU A 308 -15.75 12.53 -1.12
CA GLU A 308 -14.72 13.45 -0.63
C GLU A 308 -14.55 14.59 -1.63
N THR A 309 -13.71 15.57 -1.31
CA THR A 309 -13.49 16.69 -2.24
C THR A 309 -12.74 16.22 -3.48
N TRP A 310 -12.10 15.07 -3.36
CA TRP A 310 -11.39 14.52 -4.50
C TRP A 310 -12.29 13.49 -5.21
N GLY A 311 -13.56 13.48 -4.81
CA GLY A 311 -14.54 12.56 -5.37
C GLY A 311 -14.81 11.30 -4.55
N PRO A 312 -15.59 10.36 -5.13
CA PRO A 312 -15.95 9.15 -4.40
C PRO A 312 -14.71 8.36 -4.05
N ASN A 313 -14.77 7.76 -2.87
CA ASN A 313 -13.59 7.20 -2.23
C ASN A 313 -14.01 6.01 -1.43
N ILE A 314 -13.44 4.85 -1.74
CA ILE A 314 -13.63 3.67 -0.94
C ILE A 314 -12.36 3.36 -0.17
N LYS A 315 -12.51 3.06 1.12
CA LYS A 315 -11.40 2.84 2.02
C LYS A 315 -11.58 1.45 2.62
N ILE A 316 -10.59 0.59 2.37
CA ILE A 316 -10.68 -0.83 2.73
C ILE A 316 -9.66 -1.13 3.85
N PRO A 317 -10.10 -1.80 4.91
CA PRO A 317 -9.19 -1.97 6.04
C PRO A 317 -8.01 -2.94 5.83
N GLY A 318 -6.87 -2.58 6.42
CA GLY A 318 -5.74 -3.52 6.51
C GLY A 318 -5.90 -4.40 7.73
N SER A 319 -5.04 -5.42 7.88
CA SER A 319 -5.10 -6.32 9.04
C SER A 319 -3.72 -6.74 9.55
N ALA A 320 -3.60 -6.86 10.85
CA ALA A 320 -2.43 -7.41 11.51
C ALA A 320 -2.33 -8.90 11.29
N ILE A 321 -1.14 -9.34 10.85
CA ILE A 321 -0.84 -10.75 10.60
C ILE A 321 0.38 -11.20 11.44
N THR A 322 0.28 -12.38 12.07
CA THR A 322 1.29 -12.94 12.93
C THR A 322 1.39 -14.44 12.62
N LYS A 323 2.30 -15.17 13.25
CA LYS A 323 2.39 -16.61 12.99
C LYS A 323 1.07 -17.31 13.24
N GLU A 324 0.31 -16.75 14.17
CA GLU A 324 -0.99 -17.30 14.57
C GLU A 324 -2.04 -17.29 13.44
N ASN A 325 -2.00 -16.32 12.52
CA ASN A 325 -3.02 -16.26 11.45
C ASN A 325 -2.49 -16.05 10.05
N VAL A 326 -1.19 -16.24 9.89
CA VAL A 326 -0.53 -16.01 8.61
C VAL A 326 -1.09 -16.91 7.48
N ASP A 327 -1.70 -18.00 7.86
CA ASP A 327 -2.21 -18.91 6.84
C ASP A 327 -3.62 -18.56 6.39
N ASN A 328 -4.20 -17.49 6.90
CA ASN A 328 -5.58 -17.19 6.52
C ASN A 328 -5.57 -16.84 5.03
N PRO A 329 -6.39 -17.54 4.23
CA PRO A 329 -6.53 -17.31 2.77
C PRO A 329 -7.03 -15.94 2.37
N SER A 330 -7.63 -15.18 3.27
CA SER A 330 -8.04 -13.82 2.91
C SER A 330 -6.87 -12.84 2.78
N PHE A 331 -5.74 -13.17 3.39
CA PHE A 331 -4.53 -12.37 3.28
C PHE A 331 -3.80 -12.54 1.95
N TRP A 332 -3.67 -11.46 1.18
CA TRP A 332 -3.29 -11.57 -0.22
C TRP A 332 -1.89 -12.15 -0.42
N GLY A 333 -1.09 -12.09 0.64
CA GLY A 333 0.26 -12.61 0.58
C GLY A 333 0.30 -14.11 0.39
N ASN A 334 -0.82 -14.81 0.61
CA ASN A 334 -0.90 -16.26 0.36
C ASN A 334 -1.32 -16.57 -1.04
N LEU A 335 -1.63 -15.53 -1.81
CA LEU A 335 -1.84 -15.66 -3.24
C LEU A 335 -3.00 -16.63 -3.53
N LYS A 336 -4.06 -16.52 -2.73
CA LYS A 336 -5.27 -17.31 -2.93
C LYS A 336 -6.42 -16.35 -3.24
N PRO A 337 -6.44 -15.82 -4.47
CA PRO A 337 -7.49 -14.86 -4.85
C PRO A 337 -8.85 -15.53 -4.76
N PRO A 338 -9.90 -14.77 -4.41
CA PRO A 338 -11.22 -15.36 -4.27
C PRO A 338 -11.67 -15.99 -5.55
N THR A 339 -12.28 -17.16 -5.44
CA THR A 339 -12.87 -17.87 -6.59
C THR A 339 -14.35 -17.51 -6.66
N ALA A 340 -14.85 -17.40 -7.88
CA ALA A 340 -16.19 -16.93 -8.20
C ALA A 340 -16.02 -15.77 -9.13
N ALA A 341 -16.80 -14.73 -8.90
CA ALA A 341 -16.59 -13.52 -9.64
C ALA A 341 -17.17 -12.31 -8.95
N ILE A 342 -16.55 -11.19 -9.27
CA ILE A 342 -17.05 -9.87 -8.99
C ILE A 342 -18.36 -9.63 -9.72
N LYS A 343 -19.19 -8.79 -9.14
CA LYS A 343 -20.41 -8.37 -9.80
C LYS A 343 -20.45 -6.85 -9.70
N SER A 344 -20.80 -6.22 -10.82
CA SER A 344 -20.85 -4.78 -10.88
C SER A 344 -21.93 -4.26 -9.95
N VAL A 345 -21.61 -3.16 -9.29
CA VAL A 345 -22.56 -2.47 -8.44
C VAL A 345 -23.62 -1.89 -9.34
N GLU A 346 -24.88 -2.01 -8.91
CA GLU A 346 -26.03 -1.56 -9.68
C GLU A 346 -26.45 -0.13 -9.40
O4 X6X B . 4.07 -1.67 -3.44
C4 X6X B . 4.41 -0.95 -2.28
C3 X6X B . 3.12 -0.75 -1.46
O3 X6X B . 2.52 -2.09 -1.21
C2 X6X B . 2.13 0.18 -2.21
N2 X6X B . 0.94 0.49 -1.39
C1 X6X B . 2.83 1.54 -2.62
O1 X6X B . 3.21 2.24 -1.50
O5 X6X B . 4.03 1.27 -3.33
C5 X6X B . 5.01 0.41 -2.70
C6 X6X B . 6.01 0.16 -3.85
O6 X6X B . 7.25 -0.25 -3.29
#